data_5IEH
#
_entry.id   5IEH
#
_cell.length_a   51.044
_cell.length_b   82.249
_cell.length_c   110.084
_cell.angle_alpha   90.000
_cell.angle_beta   90.000
_cell.angle_gamma   90.000
#
_symmetry.space_group_name_H-M   'P 21 21 21'
#
loop_
_entity.id
_entity.type
_entity.pdbx_description
1 polymer 'HLA class I histocompatibility antigen, B-40 alpha chain'
2 polymer Beta-2-microglobulin
3 polymer 'Inner centromere protein'
4 non-polymer 1,2-ETHANEDIOL
5 water water
#
loop_
_entity_poly.entity_id
_entity_poly.type
_entity_poly.pdbx_seq_one_letter_code
_entity_poly.pdbx_strand_id
1 'polypeptide(L)'
;MGSHSMRYFHTSVSRPGRGEPRFITVGYVDDTLFVRFDSDATSPAKEPRAPWIEQEGPEYWDRETQISKTNTQTYRESLR
NLRGYYNQSEAGSHTLQSMYGCDVGPDGRLLRGHNQYAYDGKDYIALNEDLRSWTAADTAAQITQRKWEAARVAEQLRAY
LEGECVEWLRRYLENGKETLQRADPPKTHVTHHPISDHEATLRCWALGFYPAEITLTWQRDGEDQTQDTELVETRPAGDR
TFQKWAAVVVPSGEEQRYTCHVQHEGLPKPLTLRWEP
;
A
2 'polypeptide(L)'
;MIQRTPKIQVYSRHPAENGKSNFLNCYVSGFHPSDIEVDLLKNGERIEKVEHSDLSFSKDWSFYLLYYTEFTPTEKDEYA
CRVNHVTLSQPKIVKWDRDM
;
B
3 'polypeptide(L)' REF(SEP)KEPEL C
#
# COMPACT_ATOMS: atom_id res chain seq x y z
N GLY A 2 5.55 -7.30 17.46
CA GLY A 2 6.63 -6.75 18.34
C GLY A 2 7.58 -5.84 17.59
N SER A 3 7.83 -6.18 16.32
CA SER A 3 8.72 -5.39 15.47
C SER A 3 7.92 -4.34 14.71
N HIS A 4 8.62 -3.28 14.32
CA HIS A 4 7.93 -2.14 13.74
C HIS A 4 8.82 -1.49 12.69
N SER A 5 8.19 -0.69 11.84
CA SER A 5 8.89 -0.04 10.75
CA SER A 5 8.88 -0.04 10.73
C SER A 5 8.36 1.37 10.57
N MET A 6 9.24 2.26 10.12
CA MET A 6 8.85 3.57 9.61
C MET A 6 9.35 3.66 8.18
N ARG A 7 8.51 4.14 7.27
CA ARG A 7 8.90 4.24 5.88
C ARG A 7 8.29 5.49 5.28
N TYR A 8 9.09 6.25 4.55
CA TYR A 8 8.64 7.34 3.70
C TYR A 8 8.74 6.93 2.24
N PHE A 9 7.76 7.37 1.48
CA PHE A 9 7.58 7.01 0.07
C PHE A 9 7.49 8.29 -0.73
N HIS A 10 8.41 8.45 -1.67
CA HIS A 10 8.46 9.61 -2.54
C HIS A 10 8.10 9.21 -3.96
N THR A 11 7.28 10.03 -4.63
CA THR A 11 6.96 9.82 -6.03
C THR A 11 7.04 11.15 -6.75
N SER A 12 7.74 11.19 -7.88
CA SER A 12 7.77 12.34 -8.76
C SER A 12 7.44 11.88 -10.16
N VAL A 13 6.51 12.58 -10.82
CA VAL A 13 5.99 12.15 -12.11
C VAL A 13 6.03 13.35 -13.06
N SER A 14 6.82 13.25 -14.12
CA SER A 14 6.86 14.33 -15.09
C SER A 14 5.67 14.24 -16.02
N ARG A 15 5.35 15.36 -16.63
CA ARG A 15 4.14 15.50 -17.43
C ARG A 15 4.36 16.61 -18.46
N PRO A 16 5.23 16.41 -19.43
CA PRO A 16 5.55 17.51 -20.36
C PRO A 16 4.30 18.04 -21.03
N GLY A 17 4.21 19.37 -21.03
CA GLY A 17 3.07 20.09 -21.58
C GLY A 17 1.98 20.37 -20.57
N ARG A 18 2.12 19.84 -19.36
CA ARG A 18 1.11 19.95 -18.33
C ARG A 18 1.73 20.38 -17.01
N GLY A 19 2.78 21.19 -17.09
CA GLY A 19 3.41 21.73 -15.90
C GLY A 19 4.65 20.96 -15.50
N GLU A 20 5.10 21.25 -14.30
CA GLU A 20 6.31 20.66 -13.76
C GLU A 20 5.99 19.35 -13.06
N PRO A 21 6.99 18.49 -12.83
CA PRO A 21 6.69 17.17 -12.26
C PRO A 21 6.10 17.25 -10.87
N ARG A 22 4.99 16.52 -10.68
CA ARG A 22 4.31 16.47 -9.40
C ARG A 22 5.13 15.66 -8.41
N PHE A 23 5.18 16.12 -7.16
CA PHE A 23 5.89 15.43 -6.09
C PHE A 23 4.92 15.09 -4.97
N ILE A 24 4.91 13.82 -4.57
CA ILE A 24 4.06 13.34 -3.48
C ILE A 24 4.94 12.61 -2.47
N THR A 25 4.64 12.76 -1.19
CA THR A 25 5.24 11.98 -0.13
C THR A 25 4.13 11.46 0.76
N VAL A 26 4.21 10.20 1.17
CA VAL A 26 3.44 9.68 2.28
C VAL A 26 4.42 9.01 3.24
N GLY A 27 4.08 9.06 4.53
CA GLY A 27 4.83 8.38 5.55
C GLY A 27 3.94 7.39 6.28
N TYR A 28 4.52 6.23 6.59
CA TYR A 28 3.88 5.16 7.32
C TYR A 28 4.67 4.75 8.56
N VAL A 29 3.94 4.37 9.61
CA VAL A 29 4.47 3.52 10.66
C VAL A 29 3.70 2.22 10.53
N ASP A 30 4.40 1.15 10.22
CA ASP A 30 3.76 -0.15 9.95
C ASP A 30 2.74 0.07 8.84
N ASP A 31 1.47 -0.31 9.03
CA ASP A 31 0.43 -0.17 8.03
C ASP A 31 -0.44 1.05 8.26
N THR A 32 0.06 2.05 8.99
CA THR A 32 -0.69 3.27 9.31
C THR A 32 -0.05 4.47 8.62
N LEU A 33 -0.78 5.09 7.70
CA LEU A 33 -0.31 6.31 7.04
C LEU A 33 -0.51 7.46 8.02
N PHE A 34 0.55 8.22 8.27
CA PHE A 34 0.45 9.30 9.25
C PHE A 34 0.75 10.68 8.74
N VAL A 35 1.31 10.84 7.54
CA VAL A 35 1.61 12.16 7.01
C VAL A 35 1.59 12.09 5.49
N ARG A 36 1.26 13.23 4.87
CA ARG A 36 1.25 13.31 3.41
C ARG A 36 1.67 14.71 2.97
N PHE A 37 2.11 14.80 1.72
CA PHE A 37 2.47 16.03 1.02
C PHE A 37 2.18 15.86 -0.46
N ASP A 38 1.65 16.89 -1.11
CA ASP A 38 1.35 16.89 -2.53
C ASP A 38 1.66 18.26 -3.10
N SER A 39 2.60 18.35 -4.05
CA SER A 39 2.91 19.65 -4.64
C SER A 39 1.76 20.21 -5.47
N ASP A 40 0.79 19.38 -5.85
CA ASP A 40 -0.38 19.86 -6.58
C ASP A 40 -1.48 20.38 -5.65
N ALA A 41 -1.32 20.29 -4.34
CA ALA A 41 -2.30 20.87 -3.44
C ALA A 41 -2.33 22.40 -3.59
N THR A 42 -3.47 22.98 -3.23
CA THR A 42 -3.63 24.44 -3.31
C THR A 42 -2.52 25.16 -2.55
N SER A 43 -2.24 24.71 -1.33
CA SER A 43 -1.20 25.29 -0.49
C SER A 43 -0.37 24.13 0.05
N PRO A 44 0.62 23.68 -0.72
CA PRO A 44 1.32 22.44 -0.34
C PRO A 44 1.97 22.55 1.02
N ALA A 45 1.67 21.57 1.88
CA ALA A 45 2.27 21.48 3.20
C ALA A 45 2.19 20.02 3.64
N LYS A 46 3.10 19.65 4.53
CA LYS A 46 2.95 18.37 5.19
C LYS A 46 1.74 18.41 6.10
N GLU A 47 0.89 17.39 5.98
CA GLU A 47 -0.39 17.34 6.68
C GLU A 47 -0.52 16.07 7.50
N PRO A 48 -1.05 16.14 8.70
CA PRO A 48 -1.23 14.94 9.52
C PRO A 48 -2.34 14.06 8.96
N ARG A 49 -2.15 12.77 9.10
CA ARG A 49 -3.16 11.81 8.70
C ARG A 49 -3.47 10.78 9.78
N ALA A 50 -2.88 10.91 10.96
CA ALA A 50 -3.17 10.08 12.11
C ALA A 50 -3.23 10.99 13.32
N PRO A 51 -4.10 10.71 14.29
CA PRO A 51 -4.26 11.69 15.39
C PRO A 51 -3.01 11.91 16.22
N TRP A 52 -2.20 10.87 16.44
CA TRP A 52 -1.07 10.94 17.34
C TRP A 52 0.08 11.77 16.80
N ILE A 53 0.10 12.10 15.51
CA ILE A 53 1.10 13.04 14.99
C ILE A 53 0.66 14.49 15.11
N GLU A 54 -0.63 14.74 15.39
CA GLU A 54 -1.14 16.10 15.44
C GLU A 54 -0.50 16.89 16.57
N GLN A 55 -0.08 16.23 17.64
CA GLN A 55 0.49 16.93 18.79
C GLN A 55 1.88 17.49 18.50
N GLU A 56 2.56 17.05 17.46
CA GLU A 56 3.84 17.66 17.12
C GLU A 56 3.63 19.14 16.86
N GLY A 57 4.59 19.95 17.29
CA GLY A 57 4.43 21.39 17.30
C GLY A 57 4.78 22.03 15.98
N PRO A 58 4.62 23.35 15.93
CA PRO A 58 4.86 24.08 14.67
C PRO A 58 6.25 23.89 14.10
N GLU A 59 7.26 23.77 14.96
CA GLU A 59 8.62 23.59 14.47
C GLU A 59 8.75 22.30 13.68
N TYR A 60 8.08 21.25 14.14
CA TYR A 60 8.05 19.98 13.40
C TYR A 60 7.44 20.15 12.02
N TRP A 61 6.25 20.75 11.96
CA TRP A 61 5.58 20.86 10.68
C TRP A 61 6.33 21.78 9.74
N ASP A 62 6.93 22.85 10.25
CA ASP A 62 7.73 23.73 9.40
C ASP A 62 8.89 22.96 8.76
N ARG A 63 9.61 22.17 9.55
CA ARG A 63 10.74 21.42 9.02
C ARG A 63 10.27 20.39 8.01
N GLU A 64 9.22 19.65 8.36
CA GLU A 64 8.70 18.63 7.44
C GLU A 64 8.27 19.24 6.11
N THR A 65 7.56 20.37 6.15
CA THR A 65 7.12 21.02 4.92
C THR A 65 8.29 21.55 4.11
N GLN A 66 9.29 22.14 4.78
CA GLN A 66 10.45 22.63 4.05
C GLN A 66 11.18 21.47 3.35
N ILE A 67 11.31 20.34 4.03
CA ILE A 67 11.97 19.19 3.42
C ILE A 67 11.24 18.78 2.15
N SER A 68 9.91 18.70 2.21
CA SER A 68 9.14 18.26 1.06
C SER A 68 9.18 19.27 -0.08
N LYS A 69 9.18 20.56 0.25
CA LYS A 69 9.31 21.58 -0.80
C LYS A 69 10.68 21.50 -1.48
N THR A 70 11.75 21.33 -0.69
CA THR A 70 13.08 21.14 -1.27
C THR A 70 13.12 19.86 -2.09
N ASN A 71 12.57 18.77 -1.55
CA ASN A 71 12.56 17.51 -2.30
C ASN A 71 11.84 17.67 -3.64
N THR A 72 10.76 18.43 -3.69
CA THR A 72 10.06 18.62 -4.95
C THR A 72 11.04 19.08 -6.02
N GLN A 73 11.89 20.04 -5.70
CA GLN A 73 12.88 20.54 -6.65
C GLN A 73 14.00 19.53 -6.90
N THR A 74 14.50 18.87 -5.85
CA THR A 74 15.54 17.86 -6.04
C THR A 74 15.09 16.79 -7.02
N TYR A 75 13.86 16.30 -6.86
CA TYR A 75 13.38 15.22 -7.70
C TYR A 75 13.14 15.68 -9.13
N ARG A 76 12.81 16.97 -9.33
CA ARG A 76 12.73 17.50 -10.69
C ARG A 76 14.10 17.54 -11.35
N GLU A 77 15.15 17.91 -10.61
CA GLU A 77 16.50 17.84 -11.15
C GLU A 77 16.91 16.39 -11.44
N SER A 78 16.60 15.48 -10.53
CA SER A 78 16.89 14.07 -10.77
C SER A 78 16.23 13.56 -12.05
N LEU A 79 14.95 13.91 -12.26
CA LEU A 79 14.25 13.47 -13.46
C LEU A 79 14.93 14.00 -14.71
N ARG A 80 15.39 15.26 -14.68
CA ARG A 80 16.13 15.81 -15.82
C ARG A 80 17.41 15.00 -16.06
N ASN A 81 18.12 14.69 -14.98
CA ASN A 81 19.36 13.94 -15.15
C ASN A 81 19.09 12.54 -15.69
N LEU A 82 18.05 11.88 -15.17
CA LEU A 82 17.74 10.53 -15.60
C LEU A 82 17.38 10.47 -17.08
N ARG A 83 16.62 11.46 -17.56
CA ARG A 83 16.29 11.50 -18.98
C ARG A 83 17.56 11.48 -19.82
N GLY A 84 18.54 12.30 -19.43
CA GLY A 84 19.82 12.31 -20.13
C GLY A 84 20.57 11.00 -20.03
N TYR A 85 20.57 10.38 -18.85
CA TYR A 85 21.31 9.13 -18.67
C TYR A 85 20.80 8.03 -19.58
N TYR A 86 19.53 8.10 -19.99
CA TYR A 86 18.94 7.08 -20.84
C TYR A 86 18.68 7.59 -22.25
N ASN A 87 19.20 8.76 -22.59
CA ASN A 87 19.09 9.33 -23.94
C ASN A 87 17.64 9.52 -24.36
N GLN A 88 16.79 9.89 -23.40
CA GLN A 88 15.36 9.97 -23.65
C GLN A 88 14.95 11.36 -24.09
N SER A 89 13.83 11.41 -24.82
CA SER A 89 13.27 12.65 -25.32
C SER A 89 12.63 13.47 -24.19
N GLU A 90 12.53 14.78 -24.40
CA GLU A 90 11.83 15.63 -23.46
C GLU A 90 10.32 15.48 -23.53
N ALA A 91 9.82 14.71 -24.50
CA ALA A 91 8.38 14.62 -24.71
C ALA A 91 7.69 13.56 -23.86
N GLY A 92 8.41 12.61 -23.29
CA GLY A 92 7.79 11.53 -22.55
C GLY A 92 7.62 11.83 -21.07
N SER A 93 6.64 11.16 -20.48
CA SER A 93 6.40 11.18 -19.04
C SER A 93 7.18 10.06 -18.36
N HIS A 94 7.77 10.37 -17.21
CA HIS A 94 8.58 9.41 -16.47
C HIS A 94 8.29 9.53 -14.98
N THR A 95 8.61 8.45 -14.27
CA THR A 95 8.36 8.34 -12.83
C THR A 95 9.65 8.04 -12.10
N LEU A 96 9.88 8.78 -11.02
CA LEU A 96 10.95 8.49 -10.07
C LEU A 96 10.32 8.23 -8.71
N GLN A 97 10.63 7.09 -8.11
CA GLN A 97 10.14 6.71 -6.80
C GLN A 97 11.31 6.40 -5.89
N SER A 98 11.10 6.63 -4.59
CA SER A 98 12.05 6.14 -3.61
C SER A 98 11.30 5.79 -2.33
N MET A 99 11.91 4.91 -1.53
CA MET A 99 11.37 4.55 -0.25
C MET A 99 12.53 4.35 0.70
N TYR A 100 12.40 4.86 1.91
CA TYR A 100 13.48 4.77 2.89
C TYR A 100 12.91 4.68 4.29
N GLY A 101 13.70 4.15 5.20
CA GLY A 101 13.35 4.14 6.61
C GLY A 101 13.98 2.98 7.33
N CYS A 102 13.43 2.67 8.50
CA CYS A 102 14.08 1.77 9.42
C CYS A 102 13.10 0.74 9.95
N ASP A 103 13.64 -0.42 10.30
CA ASP A 103 12.93 -1.50 10.97
C ASP A 103 13.57 -1.70 12.33
N VAL A 104 12.74 -1.83 13.39
CA VAL A 104 13.24 -2.06 14.73
C VAL A 104 12.55 -3.28 15.30
N GLY A 105 13.24 -3.90 16.26
CA GLY A 105 12.68 -5.05 16.95
C GLY A 105 11.94 -4.66 18.20
N PRO A 106 11.45 -5.66 18.93
CA PRO A 106 10.64 -5.39 20.13
C PRO A 106 11.33 -4.51 21.15
N ASP A 107 12.66 -4.59 21.25
CA ASP A 107 13.40 -3.76 22.18
C ASP A 107 13.72 -2.38 21.62
N GLY A 108 13.20 -2.04 20.45
CA GLY A 108 13.45 -0.74 19.84
C GLY A 108 14.78 -0.61 19.15
N ARG A 109 15.57 -1.67 19.06
CA ARG A 109 16.85 -1.57 18.40
C ARG A 109 16.73 -1.79 16.89
N LEU A 110 17.64 -1.15 16.15
CA LEU A 110 17.64 -1.26 14.69
C LEU A 110 17.84 -2.69 14.23
N LEU A 111 16.94 -3.15 13.38
CA LEU A 111 17.10 -4.39 12.65
C LEU A 111 17.81 -4.14 11.34
N ARG A 112 17.34 -3.17 10.55
CA ARG A 112 18.04 -2.74 9.35
C ARG A 112 17.42 -1.46 8.84
N GLY A 113 18.17 -0.76 8.00
CA GLY A 113 17.70 0.43 7.32
C GLY A 113 17.58 0.19 5.82
N HIS A 114 16.93 1.15 5.17
CA HIS A 114 16.58 1.06 3.76
C HIS A 114 16.66 2.42 3.12
N ASN A 115 17.11 2.44 1.86
CA ASN A 115 16.92 3.62 1.00
C ASN A 115 17.13 3.18 -0.43
N GLN A 116 16.06 3.10 -1.22
CA GLN A 116 16.21 2.67 -2.59
C GLN A 116 15.31 3.46 -3.50
N TYR A 117 15.62 3.36 -4.80
CA TYR A 117 15.06 4.19 -5.86
C TYR A 117 14.69 3.33 -7.06
N ALA A 118 13.68 3.77 -7.78
CA ALA A 118 13.21 3.14 -9.01
C ALA A 118 12.86 4.22 -10.03
N TYR A 119 13.15 3.94 -11.30
CA TYR A 119 12.87 4.83 -12.40
C TYR A 119 11.96 4.07 -13.36
N ASP A 120 10.83 4.68 -13.68
CA ASP A 120 9.81 4.05 -14.51
C ASP A 120 9.48 2.62 -14.05
N GLY A 121 9.43 2.44 -12.74
CA GLY A 121 9.00 1.19 -12.13
C GLY A 121 10.08 0.15 -11.98
N LYS A 122 11.31 0.43 -12.41
CA LYS A 122 12.40 -0.53 -12.38
C LYS A 122 13.44 -0.11 -11.35
N ASP A 123 13.89 -1.05 -10.54
CA ASP A 123 14.94 -0.76 -9.56
C ASP A 123 16.12 -0.08 -10.23
N TYR A 124 16.60 0.99 -9.60
CA TYR A 124 17.65 1.84 -10.14
C TYR A 124 18.91 1.81 -9.28
N ILE A 125 18.81 2.21 -8.01
CA ILE A 125 19.92 2.13 -7.08
C ILE A 125 19.37 1.91 -5.69
N ALA A 126 20.14 1.23 -4.85
CA ALA A 126 19.73 0.92 -3.49
C ALA A 126 20.93 1.00 -2.57
N LEU A 127 20.72 1.56 -1.38
CA LEU A 127 21.68 1.42 -0.28
C LEU A 127 21.69 -0.02 0.22
N ASN A 128 22.89 -0.61 0.30
CA ASN A 128 23.02 -1.97 0.78
C ASN A 128 22.77 -2.02 2.29
N GLU A 129 22.54 -3.23 2.77
CA GLU A 129 22.21 -3.43 4.18
C GLU A 129 23.31 -2.94 5.10
N ASP A 130 24.56 -2.86 4.62
CA ASP A 130 25.64 -2.33 5.44
C ASP A 130 25.53 -0.84 5.70
N LEU A 131 24.61 -0.14 5.02
CA LEU A 131 24.45 1.31 5.10
C LEU A 131 25.73 2.05 4.73
N ARG A 132 26.57 1.44 3.89
CA ARG A 132 27.83 2.04 3.48
C ARG A 132 28.06 2.01 1.97
N SER A 133 27.45 1.07 1.25
CA SER A 133 27.73 0.87 -0.15
C SER A 133 26.43 0.78 -0.92
N TRP A 134 26.53 0.89 -2.25
CA TRP A 134 25.39 0.97 -3.15
C TRP A 134 25.36 -0.20 -4.11
N THR A 135 24.17 -0.56 -4.56
CA THR A 135 23.98 -1.49 -5.67
C THR A 135 23.26 -0.74 -6.79
N ALA A 136 23.91 -0.64 -7.95
CA ALA A 136 23.39 0.05 -9.12
C ALA A 136 22.89 -0.97 -10.14
N ALA A 137 21.75 -0.70 -10.75
CA ALA A 137 21.14 -1.66 -11.66
C ALA A 137 21.78 -1.70 -13.05
N ASP A 138 22.35 -0.59 -13.49
CA ASP A 138 22.81 -0.46 -14.87
C ASP A 138 23.85 0.65 -14.94
N THR A 139 24.33 0.92 -16.15
CA THR A 139 25.40 1.92 -16.29
C THR A 139 24.92 3.35 -16.03
N ALA A 140 23.62 3.63 -16.15
CA ALA A 140 23.12 4.93 -15.72
C ALA A 140 23.20 5.09 -14.21
N ALA A 141 22.73 4.07 -13.49
CA ALA A 141 22.78 4.13 -12.02
C ALA A 141 24.20 4.16 -11.51
N GLN A 142 25.15 3.62 -12.27
CA GLN A 142 26.55 3.74 -11.89
C GLN A 142 27.02 5.19 -11.89
N ILE A 143 26.43 6.04 -12.74
CA ILE A 143 26.76 7.46 -12.69
C ILE A 143 26.31 8.05 -11.37
N THR A 144 25.07 7.74 -10.99
CA THR A 144 24.56 8.17 -9.70
C THR A 144 25.42 7.64 -8.57
N GLN A 145 25.78 6.35 -8.64
CA GLN A 145 26.59 5.74 -7.60
C GLN A 145 27.91 6.46 -7.43
N ARG A 146 28.60 6.73 -8.55
CA ARG A 146 29.90 7.39 -8.45
C ARG A 146 29.75 8.78 -7.85
N LYS A 147 28.69 9.51 -8.21
CA LYS A 147 28.42 10.81 -7.63
C LYS A 147 28.17 10.71 -6.12
N TRP A 148 27.37 9.73 -5.71
CA TRP A 148 27.03 9.62 -4.31
C TRP A 148 28.19 9.09 -3.47
N GLU A 149 29.03 8.23 -4.06
CA GLU A 149 30.27 7.81 -3.40
C GLU A 149 31.20 8.99 -3.19
N ALA A 150 31.37 9.83 -4.21
CA ALA A 150 32.29 10.96 -4.09
C ALA A 150 31.85 11.92 -3.01
N ALA A 151 30.53 12.08 -2.85
CA ALA A 151 29.96 12.99 -1.85
C ALA A 151 29.65 12.30 -0.50
N ARG A 152 29.97 11.02 -0.36
CA ARG A 152 29.77 10.29 0.90
C ARG A 152 28.31 10.41 1.40
N VAL A 153 27.36 10.26 0.46
CA VAL A 153 25.94 10.29 0.80
C VAL A 153 25.60 9.16 1.76
N ALA A 154 26.18 7.98 1.57
CA ALA A 154 25.82 6.84 2.39
C ALA A 154 26.05 7.13 3.87
N GLU A 155 27.11 7.89 4.19
CA GLU A 155 27.37 8.21 5.60
C GLU A 155 26.29 9.09 6.19
N GLN A 156 25.73 10.00 5.40
CA GLN A 156 24.59 10.79 5.86
C GLN A 156 23.37 9.91 6.10
N LEU A 157 23.09 8.99 5.19
CA LEU A 157 21.96 8.10 5.40
C LEU A 157 22.16 7.20 6.61
N ARG A 158 23.37 6.65 6.77
CA ARG A 158 23.62 5.80 7.93
C ARG A 158 23.36 6.56 9.24
N ALA A 159 23.85 7.80 9.33
CA ALA A 159 23.65 8.57 10.55
C ALA A 159 22.17 8.81 10.81
N TYR A 160 21.41 9.12 9.77
CA TYR A 160 19.97 9.30 9.91
C TYR A 160 19.29 7.99 10.31
N LEU A 161 19.60 6.90 9.62
CA LEU A 161 18.86 5.65 9.82
C LEU A 161 19.11 5.04 11.19
N GLU A 162 20.34 5.14 11.69
CA GLU A 162 20.66 4.58 13.00
C GLU A 162 20.30 5.51 14.13
N GLY A 163 20.09 6.79 13.86
CA GLY A 163 19.83 7.78 14.86
C GLY A 163 18.41 8.27 14.82
N GLU A 164 18.18 9.38 14.10
CA GLU A 164 16.87 10.02 14.08
C GLU A 164 15.75 9.07 13.69
N CYS A 165 15.96 8.23 12.69
CA CYS A 165 14.90 7.35 12.22
C CYS A 165 14.40 6.45 13.34
N VAL A 166 15.32 5.78 14.04
CA VAL A 166 14.96 4.89 15.13
C VAL A 166 14.37 5.67 16.28
N GLU A 167 14.94 6.82 16.61
CA GLU A 167 14.48 7.59 17.76
C GLU A 167 13.09 8.16 17.53
N TRP A 168 12.81 8.63 16.32
CA TRP A 168 11.50 9.19 16.08
C TRP A 168 10.46 8.09 15.88
N LEU A 169 10.83 6.96 15.28
CA LEU A 169 9.91 5.82 15.27
C LEU A 169 9.51 5.44 16.69
N ARG A 170 10.48 5.35 17.59
CA ARG A 170 10.15 5.00 18.98
C ARG A 170 9.21 6.02 19.62
N ARG A 171 9.44 7.31 19.36
CA ARG A 171 8.54 8.36 19.83
C ARG A 171 7.13 8.16 19.29
N TYR A 172 7.01 7.92 17.98
CA TYR A 172 5.68 7.74 17.39
C TYR A 172 5.00 6.52 17.98
N LEU A 173 5.72 5.43 18.18
CA LEU A 173 5.11 4.22 18.73
C LEU A 173 4.58 4.47 20.13
N GLU A 174 5.28 5.27 20.92
CA GLU A 174 4.78 5.60 22.26
C GLU A 174 3.58 6.54 22.18
N ASN A 175 3.69 7.61 21.39
CA ASN A 175 2.58 8.56 21.30
C ASN A 175 1.33 7.93 20.70
N GLY A 176 1.51 6.99 19.78
CA GLY A 176 0.39 6.27 19.20
C GLY A 176 0.20 4.86 19.71
N LYS A 177 0.64 4.57 20.95
CA LYS A 177 0.68 3.19 21.41
C LYS A 177 -0.70 2.53 21.43
N GLU A 178 -1.78 3.28 21.66
CA GLU A 178 -3.11 2.68 21.76
C GLU A 178 -3.61 2.11 20.43
N THR A 179 -3.01 2.51 19.31
CA THR A 179 -3.34 1.97 18.00
C THR A 179 -2.15 1.28 17.36
N LEU A 180 -1.00 1.94 17.31
CA LEU A 180 0.15 1.37 16.65
C LEU A 180 0.65 0.10 17.32
N GLN A 181 0.48 -0.03 18.63
CA GLN A 181 0.91 -1.22 19.34
C GLN A 181 -0.27 -2.06 19.80
N ARG A 182 -1.39 -1.94 19.09
CA ARG A 182 -2.57 -2.76 19.34
C ARG A 182 -2.82 -3.60 18.09
N ALA A 183 -2.67 -4.91 18.21
CA ALA A 183 -3.04 -5.83 17.15
C ALA A 183 -4.51 -6.19 17.31
N ASP A 184 -5.28 -5.99 16.25
CA ASP A 184 -6.70 -6.36 16.23
C ASP A 184 -6.84 -7.68 15.50
N PRO A 185 -7.32 -8.73 16.16
CA PRO A 185 -7.36 -10.04 15.51
C PRO A 185 -8.43 -10.09 14.44
N PRO A 186 -8.27 -10.99 13.47
CA PRO A 186 -9.33 -11.19 12.47
C PRO A 186 -10.56 -11.83 13.07
N LYS A 187 -11.71 -11.33 12.63
CA LYS A 187 -12.98 -12.03 12.80
C LYS A 187 -13.11 -13.00 11.63
N THR A 188 -13.30 -14.28 11.91
CA THR A 188 -13.21 -15.33 10.89
C THR A 188 -14.52 -16.10 10.76
N HIS A 189 -14.83 -16.51 9.54
CA HIS A 189 -15.95 -17.43 9.30
C HIS A 189 -15.77 -18.07 7.93
N VAL A 190 -16.48 -19.18 7.71
CA VAL A 190 -16.44 -19.93 6.47
C VAL A 190 -17.82 -19.88 5.84
N THR A 191 -17.86 -19.51 4.56
CA THR A 191 -19.09 -19.53 3.80
C THR A 191 -19.02 -20.57 2.69
N HIS A 192 -20.21 -20.98 2.25
CA HIS A 192 -20.38 -22.08 1.32
C HIS A 192 -21.24 -21.60 0.16
N HIS A 193 -20.75 -21.81 -1.07
CA HIS A 193 -21.38 -21.27 -2.27
C HIS A 193 -21.47 -22.36 -3.33
N PRO A 194 -22.61 -23.03 -3.46
CA PRO A 194 -22.76 -24.03 -4.54
C PRO A 194 -22.46 -23.43 -5.90
N ILE A 195 -21.69 -24.17 -6.68
CA ILE A 195 -21.35 -23.80 -8.06
C ILE A 195 -22.23 -24.55 -9.06
N SER A 196 -22.50 -25.81 -8.75
CA SER A 196 -23.17 -26.76 -9.63
C SER A 196 -23.64 -27.90 -8.73
N ASP A 197 -24.28 -28.90 -9.32
CA ASP A 197 -24.63 -30.08 -8.54
C ASP A 197 -23.40 -30.77 -7.99
N HIS A 198 -22.24 -30.58 -8.62
CA HIS A 198 -21.07 -31.39 -8.39
C HIS A 198 -20.06 -30.75 -7.45
N GLU A 199 -20.11 -29.44 -7.28
CA GLU A 199 -19.05 -28.69 -6.62
C GLU A 199 -19.61 -27.48 -5.89
N ALA A 200 -18.88 -27.04 -4.87
CA ALA A 200 -19.18 -25.81 -4.15
C ALA A 200 -17.88 -25.14 -3.76
N THR A 201 -17.97 -23.83 -3.56
CA THR A 201 -16.85 -23.04 -3.07
C THR A 201 -16.95 -22.94 -1.55
N LEU A 202 -15.86 -23.23 -0.87
CA LEU A 202 -15.70 -22.86 0.53
C LEU A 202 -14.81 -21.64 0.59
N ARG A 203 -15.28 -20.58 1.24
CA ARG A 203 -14.52 -19.34 1.35
C ARG A 203 -14.27 -19.03 2.82
N CYS A 204 -13.00 -18.88 3.17
CA CYS A 204 -12.58 -18.56 4.53
C CYS A 204 -12.27 -17.07 4.59
N TRP A 205 -12.95 -16.37 5.50
CA TRP A 205 -12.92 -14.92 5.63
C TRP A 205 -12.14 -14.50 6.86
N ALA A 206 -11.32 -13.47 6.71
CA ALA A 206 -10.68 -12.79 7.83
C ALA A 206 -10.99 -11.31 7.68
N LEU A 207 -11.64 -10.72 8.68
CA LEU A 207 -12.12 -9.36 8.64
C LEU A 207 -11.69 -8.59 9.88
N GLY A 208 -11.47 -7.29 9.69
CA GLY A 208 -11.28 -6.40 10.83
C GLY A 208 -9.93 -6.47 11.51
N PHE A 209 -8.89 -6.93 10.82
CA PHE A 209 -7.61 -7.17 11.48
C PHE A 209 -6.59 -6.06 11.19
N TYR A 210 -5.65 -5.94 12.11
CA TYR A 210 -4.55 -4.96 12.03
C TYR A 210 -3.42 -5.58 12.86
N PRO A 211 -2.19 -5.62 12.32
CA PRO A 211 -1.74 -5.12 11.03
C PRO A 211 -2.13 -6.03 9.89
N ALA A 212 -1.70 -5.69 8.68
CA ALA A 212 -2.14 -6.39 7.48
C ALA A 212 -1.56 -7.80 7.35
N GLU A 213 -0.39 -8.05 7.92
CA GLU A 213 0.23 -9.37 7.82
C GLU A 213 -0.70 -10.43 8.38
N ILE A 214 -0.96 -11.47 7.58
CA ILE A 214 -1.83 -12.56 7.98
C ILE A 214 -1.48 -13.77 7.13
N THR A 215 -1.76 -14.95 7.66
CA THR A 215 -1.67 -16.19 6.88
C THR A 215 -3.01 -16.90 6.92
N LEU A 216 -3.54 -17.19 5.73
CA LEU A 216 -4.82 -17.87 5.53
C LEU A 216 -4.58 -19.03 4.59
N THR A 217 -4.88 -20.24 5.04
CA THR A 217 -4.60 -21.42 4.22
C THR A 217 -5.75 -22.39 4.35
N TRP A 218 -5.97 -23.15 3.29
CA TRP A 218 -6.88 -24.31 3.30
C TRP A 218 -6.07 -25.59 3.28
N GLN A 219 -6.53 -26.55 4.07
CA GLN A 219 -6.03 -27.91 4.04
C GLN A 219 -7.14 -28.86 3.63
N ARG A 220 -6.76 -29.91 2.89
CA ARG A 220 -7.61 -31.06 2.58
C ARG A 220 -6.94 -32.28 3.19
N ASP A 221 -7.61 -32.94 4.13
CA ASP A 221 -7.04 -34.10 4.82
C ASP A 221 -5.68 -33.74 5.41
N GLY A 222 -5.57 -32.50 5.90
CA GLY A 222 -4.35 -32.06 6.55
C GLY A 222 -3.21 -31.65 5.62
N GLU A 223 -3.40 -31.64 4.31
CA GLU A 223 -2.37 -31.22 3.37
C GLU A 223 -2.73 -29.86 2.78
N ASP A 224 -1.76 -28.96 2.74
CA ASP A 224 -2.00 -27.63 2.19
C ASP A 224 -2.44 -27.72 0.73
N GLN A 225 -3.38 -26.84 0.36
CA GLN A 225 -3.99 -26.79 -0.96
C GLN A 225 -3.52 -25.57 -1.73
N THR A 226 -2.22 -25.30 -1.67
CA THR A 226 -1.68 -24.04 -2.18
C THR A 226 -2.08 -23.79 -3.63
N GLN A 227 -1.83 -24.78 -4.50
CA GLN A 227 -2.14 -24.63 -5.92
C GLN A 227 -3.64 -24.52 -6.21
N ASP A 228 -4.50 -25.02 -5.32
CA ASP A 228 -5.93 -25.04 -5.58
C ASP A 228 -6.68 -23.93 -4.86
N THR A 229 -5.97 -23.09 -4.11
CA THR A 229 -6.59 -22.03 -3.33
C THR A 229 -6.56 -20.72 -4.09
N GLU A 230 -7.71 -20.05 -4.17
CA GLU A 230 -7.78 -18.68 -4.66
C GLU A 230 -7.64 -17.76 -3.47
N LEU A 231 -6.62 -16.92 -3.49
CA LEU A 231 -6.24 -16.03 -2.39
C LEU A 231 -6.30 -14.62 -2.92
N VAL A 232 -7.20 -13.79 -2.40
CA VAL A 232 -7.22 -12.40 -2.84
C VAL A 232 -6.17 -11.62 -2.07
N GLU A 233 -5.68 -10.55 -2.69
CA GLU A 233 -4.79 -9.63 -2.02
C GLU A 233 -5.47 -9.05 -0.78
N THR A 234 -4.69 -8.90 0.28
CA THR A 234 -5.17 -8.24 1.48
C THR A 234 -5.58 -6.83 1.12
N ARG A 235 -6.74 -6.42 1.60
CA ARG A 235 -7.35 -5.17 1.15
C ARG A 235 -7.79 -4.33 2.33
N PRO A 236 -7.70 -3.00 2.22
CA PRO A 236 -8.11 -2.13 3.31
C PRO A 236 -9.61 -1.98 3.43
N ALA A 237 -10.10 -2.01 4.65
CA ALA A 237 -11.53 -1.80 4.86
C ALA A 237 -11.91 -0.33 4.87
N GLY A 238 -10.96 0.55 5.17
CA GLY A 238 -11.21 1.98 5.27
C GLY A 238 -11.32 2.51 6.69
N ASP A 239 -11.31 1.62 7.71
CA ASP A 239 -11.37 1.96 9.13
C ASP A 239 -10.07 1.62 9.87
N ARG A 240 -8.97 1.54 9.12
CA ARG A 240 -7.60 1.15 9.51
C ARG A 240 -7.38 -0.34 9.39
N THR A 241 -8.44 -1.14 9.37
CA THR A 241 -8.28 -2.60 9.36
C THR A 241 -8.25 -3.14 7.93
N PHE A 242 -7.97 -4.44 7.85
CA PHE A 242 -7.81 -5.13 6.59
C PHE A 242 -8.73 -6.33 6.52
N GLN A 243 -8.88 -6.83 5.30
CA GLN A 243 -9.70 -7.98 4.97
C GLN A 243 -8.93 -8.91 4.05
N LYS A 244 -9.26 -10.20 4.11
CA LYS A 244 -8.69 -11.16 3.19
C LYS A 244 -9.61 -12.37 3.16
N TRP A 245 -9.62 -13.09 2.04
CA TRP A 245 -10.26 -14.40 2.01
C TRP A 245 -9.47 -15.35 1.14
N ALA A 246 -9.71 -16.64 1.40
CA ALA A 246 -9.14 -17.75 0.66
C ALA A 246 -10.27 -18.72 0.33
N ALA A 247 -10.28 -19.23 -0.90
CA ALA A 247 -11.36 -20.12 -1.31
C ALA A 247 -10.82 -21.36 -2.01
N VAL A 248 -11.56 -22.44 -1.85
CA VAL A 248 -11.28 -23.71 -2.52
C VAL A 248 -12.58 -24.22 -3.12
N VAL A 249 -12.47 -24.89 -4.26
CA VAL A 249 -13.59 -25.56 -4.90
C VAL A 249 -13.56 -27.01 -4.48
N VAL A 250 -14.65 -27.50 -3.92
CA VAL A 250 -14.65 -28.83 -3.30
C VAL A 250 -15.78 -29.68 -3.87
N PRO A 251 -15.59 -30.99 -3.99
CA PRO A 251 -16.67 -31.84 -4.46
C PRO A 251 -17.83 -31.85 -3.47
N SER A 252 -19.04 -31.88 -4.01
CA SER A 252 -20.22 -31.90 -3.15
CA SER A 252 -20.23 -31.92 -3.16
C SER A 252 -20.15 -33.10 -2.20
N GLY A 253 -20.35 -32.83 -0.91
CA GLY A 253 -20.32 -33.86 0.10
C GLY A 253 -18.99 -34.06 0.78
N GLU A 254 -17.92 -33.42 0.29
CA GLU A 254 -16.59 -33.57 0.88
C GLU A 254 -16.18 -32.39 1.75
N GLU A 255 -17.12 -31.53 2.11
CA GLU A 255 -16.78 -30.29 2.79
C GLU A 255 -16.02 -30.52 4.08
N GLN A 256 -16.32 -31.60 4.81
CA GLN A 256 -15.70 -31.77 6.12
C GLN A 256 -14.27 -32.27 6.05
N ARG A 257 -13.73 -32.56 4.86
CA ARG A 257 -12.33 -32.86 4.70
C ARG A 257 -11.46 -31.60 4.70
N TYR A 258 -12.08 -30.43 4.68
CA TYR A 258 -11.37 -29.18 4.46
C TYR A 258 -11.34 -28.35 5.74
N THR A 259 -10.18 -27.80 6.05
CA THR A 259 -10.04 -26.91 7.19
C THR A 259 -9.29 -25.65 6.77
N CYS A 260 -9.72 -24.52 7.33
CA CYS A 260 -9.07 -23.25 7.10
C CYS A 260 -8.27 -22.90 8.34
N HIS A 261 -7.06 -22.40 8.11
CA HIS A 261 -6.12 -22.10 9.17
C HIS A 261 -5.70 -20.65 9.08
N VAL A 262 -5.76 -19.96 10.21
CA VAL A 262 -5.56 -18.52 10.28
C VAL A 262 -4.47 -18.24 11.30
N GLN A 263 -3.46 -17.51 10.90
CA GLN A 263 -2.43 -17.00 11.80
C GLN A 263 -2.38 -15.48 11.71
N HIS A 264 -2.32 -14.84 12.87
CA HIS A 264 -2.28 -13.38 12.96
C HIS A 264 -1.78 -12.97 14.34
N GLU A 265 -1.04 -11.87 14.38
CA GLU A 265 -0.44 -11.36 15.62
C GLU A 265 -1.44 -11.16 16.77
N GLY A 266 -2.69 -10.80 16.45
CA GLY A 266 -3.70 -10.46 17.45
C GLY A 266 -4.45 -11.63 18.04
N LEU A 267 -4.19 -12.80 17.57
CA LEU A 267 -4.87 -14.02 17.99
C LEU A 267 -4.13 -14.64 19.16
N PRO A 268 -4.81 -14.95 20.25
CA PRO A 268 -4.14 -15.72 21.32
C PRO A 268 -3.58 -17.03 20.81
N LYS A 269 -4.33 -17.74 19.95
CA LYS A 269 -3.83 -18.95 19.32
C LYS A 269 -4.32 -19.01 17.88
N PRO A 270 -3.55 -19.64 17.00
CA PRO A 270 -4.02 -19.87 15.63
C PRO A 270 -5.37 -20.57 15.60
N LEU A 271 -6.15 -20.21 14.59
CA LEU A 271 -7.49 -20.72 14.45
C LEU A 271 -7.53 -21.82 13.39
N THR A 272 -8.37 -22.81 13.66
CA THR A 272 -8.75 -23.84 12.70
C THR A 272 -10.25 -23.73 12.55
N LEU A 273 -10.72 -23.58 11.31
CA LEU A 273 -12.13 -23.38 11.03
C LEU A 273 -12.60 -24.40 10.00
N ARG A 274 -13.87 -24.74 10.09
CA ARG A 274 -14.52 -25.57 9.10
C ARG A 274 -15.87 -24.97 8.74
N TRP A 275 -16.40 -25.44 7.63
CA TRP A 275 -17.78 -25.12 7.27
C TRP A 275 -18.74 -25.72 8.30
N GLU A 276 -19.61 -24.88 8.84
CA GLU A 276 -20.60 -25.28 9.83
C GLU A 276 -21.98 -25.03 9.22
N PRO A 277 -22.57 -26.04 8.57
CA PRO A 277 -23.91 -25.83 8.02
C PRO A 277 -24.93 -25.79 9.15
N GLN B 3 4.84 -1.43 -18.15
CA GLN B 3 3.57 -1.02 -17.56
C GLN B 3 2.87 -2.21 -16.90
N ARG B 4 2.09 -1.91 -15.86
CA ARG B 4 1.40 -2.94 -15.08
C ARG B 4 -0.06 -2.55 -14.94
N THR B 5 -0.96 -3.48 -15.28
CA THR B 5 -2.38 -3.18 -15.26
C THR B 5 -2.96 -3.34 -13.84
N PRO B 6 -3.96 -2.55 -13.48
CA PRO B 6 -4.48 -2.63 -12.10
C PRO B 6 -5.24 -3.91 -11.83
N LYS B 7 -4.99 -4.45 -10.64
CA LYS B 7 -5.91 -5.34 -9.96
C LYS B 7 -7.04 -4.49 -9.37
N ILE B 8 -8.23 -5.06 -9.34
CA ILE B 8 -9.42 -4.34 -8.88
C ILE B 8 -10.21 -5.26 -7.98
N GLN B 9 -10.52 -4.81 -6.76
CA GLN B 9 -11.48 -5.48 -5.90
C GLN B 9 -12.57 -4.51 -5.48
N VAL B 10 -13.81 -4.98 -5.51
CA VAL B 10 -14.98 -4.19 -5.11
C VAL B 10 -15.68 -4.91 -3.97
N TYR B 11 -15.91 -4.20 -2.87
CA TYR B 11 -16.35 -4.86 -1.65
C TYR B 11 -16.87 -3.81 -0.69
N SER B 12 -17.48 -4.27 0.40
CA SER B 12 -17.96 -3.36 1.43
C SER B 12 -17.07 -3.41 2.67
N ARG B 13 -17.12 -2.32 3.42
CA ARG B 13 -16.36 -2.23 4.66
C ARG B 13 -16.84 -3.24 5.67
N HIS B 14 -18.15 -3.36 5.81
CA HIS B 14 -18.80 -4.30 6.71
C HIS B 14 -19.62 -5.29 5.91
N PRO B 15 -19.90 -6.48 6.47
CA PRO B 15 -20.80 -7.41 5.81
C PRO B 15 -22.10 -6.71 5.42
N ALA B 16 -22.52 -6.94 4.19
CA ALA B 16 -23.67 -6.22 3.66
C ALA B 16 -24.96 -6.70 4.30
N GLU B 17 -25.81 -5.75 4.66
CA GLU B 17 -27.16 -6.06 5.15
C GLU B 17 -28.10 -5.05 4.51
N ASN B 18 -29.09 -5.54 3.78
CA ASN B 18 -29.97 -4.63 3.05
C ASN B 18 -30.60 -3.62 4.01
N GLY B 19 -30.61 -2.36 3.60
CA GLY B 19 -31.19 -1.30 4.38
C GLY B 19 -30.30 -0.68 5.43
N LYS B 20 -29.10 -1.21 5.64
CA LYS B 20 -28.16 -0.70 6.62
C LYS B 20 -27.00 0.01 5.94
N SER B 21 -26.73 1.24 6.34
CA SER B 21 -25.66 2.04 5.75
C SER B 21 -24.31 1.35 5.93
N ASN B 22 -23.43 1.56 4.95
CA ASN B 22 -22.18 0.82 4.84
C ASN B 22 -21.22 1.69 4.03
N PHE B 23 -20.08 1.12 3.65
CA PHE B 23 -19.16 1.80 2.73
C PHE B 23 -18.84 0.86 1.59
N LEU B 24 -18.93 1.40 0.38
CA LEU B 24 -18.58 0.69 -0.85
C LEU B 24 -17.15 1.07 -1.20
N ASN B 25 -16.30 0.06 -1.32
CA ASN B 25 -14.88 0.20 -1.59
C ASN B 25 -14.51 -0.33 -2.96
N CYS B 26 -13.63 0.40 -3.64
CA CYS B 26 -12.96 -0.08 -4.84
C CYS B 26 -11.47 0.09 -4.62
N TYR B 27 -10.77 -1.03 -4.47
CA TYR B 27 -9.33 -1.03 -4.20
C TYR B 27 -8.63 -1.35 -5.50
N VAL B 28 -7.81 -0.42 -5.98
CA VAL B 28 -7.04 -0.60 -7.20
C VAL B 28 -5.57 -0.67 -6.81
N SER B 29 -4.86 -1.68 -7.30
CA SER B 29 -3.51 -1.95 -6.83
C SER B 29 -2.70 -2.60 -7.94
N GLY B 30 -1.39 -2.64 -7.73
CA GLY B 30 -0.52 -3.35 -8.64
C GLY B 30 -0.27 -2.65 -9.96
N PHE B 31 -0.55 -1.35 -10.07
CA PHE B 31 -0.49 -0.69 -11.37
C PHE B 31 0.71 0.25 -11.49
N HIS B 32 1.10 0.49 -12.75
CA HIS B 32 2.19 1.39 -13.07
C HIS B 32 2.02 1.74 -14.55
N PRO B 33 2.10 3.02 -14.91
CA PRO B 33 2.33 4.20 -14.07
C PRO B 33 1.13 4.58 -13.20
N SER B 34 1.26 5.69 -12.48
CA SER B 34 0.35 6.00 -11.38
C SER B 34 -0.94 6.67 -11.82
N ASP B 35 -1.01 7.19 -13.03
CA ASP B 35 -2.24 7.87 -13.42
C ASP B 35 -3.33 6.83 -13.62
N ILE B 36 -4.51 7.11 -13.05
CA ILE B 36 -5.61 6.16 -13.09
C ILE B 36 -6.89 6.95 -12.85
N GLU B 37 -7.99 6.46 -13.41
CA GLU B 37 -9.28 7.07 -13.19
C GLU B 37 -10.26 5.99 -12.75
N VAL B 38 -11.07 6.32 -11.76
CA VAL B 38 -11.99 5.37 -11.14
C VAL B 38 -13.32 6.07 -10.92
N ASP B 39 -14.40 5.44 -11.37
CA ASP B 39 -15.77 5.80 -11.02
C ASP B 39 -16.39 4.66 -10.21
N LEU B 40 -17.20 5.01 -9.22
CA LEU B 40 -18.11 4.05 -8.60
C LEU B 40 -19.48 4.27 -9.22
N LEU B 41 -20.16 3.16 -9.51
CA LEU B 41 -21.42 3.17 -10.25
C LEU B 41 -22.55 2.61 -9.40
N LYS B 42 -23.72 3.26 -9.48
CA LYS B 42 -24.97 2.75 -8.92
C LYS B 42 -25.95 2.59 -10.08
N ASN B 43 -26.33 1.34 -10.38
CA ASN B 43 -27.23 1.06 -11.49
C ASN B 43 -26.74 1.71 -12.78
N GLY B 44 -25.43 1.61 -13.02
CA GLY B 44 -24.81 2.09 -14.23
C GLY B 44 -24.46 3.57 -14.24
N GLU B 45 -24.86 4.33 -13.23
CA GLU B 45 -24.64 5.78 -13.21
C GLU B 45 -23.57 6.14 -12.18
N ARG B 46 -22.78 7.17 -12.53
CA ARG B 46 -21.68 7.57 -11.67
C ARG B 46 -22.20 8.14 -10.35
N ILE B 47 -21.64 7.64 -9.25
CA ILE B 47 -21.85 8.23 -7.94
C ILE B 47 -20.96 9.45 -7.81
N GLU B 48 -21.53 10.57 -7.35
CA GLU B 48 -20.81 11.84 -7.30
C GLU B 48 -19.94 11.97 -6.05
N LYS B 49 -20.40 11.45 -4.92
CA LYS B 49 -19.74 11.68 -3.65
C LYS B 49 -18.78 10.51 -3.39
N VAL B 50 -17.60 10.56 -4.02
CA VAL B 50 -16.60 9.50 -3.89
C VAL B 50 -15.28 10.11 -3.43
N GLU B 51 -14.71 9.53 -2.38
CA GLU B 51 -13.42 9.94 -1.84
C GLU B 51 -12.39 8.87 -2.14
N HIS B 52 -11.13 9.23 -1.97
CA HIS B 52 -10.06 8.26 -2.18
C HIS B 52 -8.93 8.51 -1.20
N SER B 53 -8.19 7.45 -0.95
CA SER B 53 -7.03 7.46 -0.08
C SER B 53 -5.85 8.15 -0.76
N ASP B 54 -4.80 8.37 0.02
CA ASP B 54 -3.59 8.96 -0.51
C ASP B 54 -2.79 7.92 -1.31
N LEU B 55 -2.31 8.33 -2.48
CA LEU B 55 -1.57 7.42 -3.34
C LEU B 55 -0.35 6.86 -2.63
N SER B 56 -0.21 5.55 -2.65
CA SER B 56 0.89 4.84 -2.01
CA SER B 56 0.92 4.88 -2.04
C SER B 56 1.45 3.85 -3.01
N PHE B 57 2.55 3.17 -2.63
CA PHE B 57 3.04 2.09 -3.47
C PHE B 57 3.68 1.00 -2.62
N SER B 58 3.75 -0.17 -3.21
CA SER B 58 4.18 -1.41 -2.58
C SER B 58 5.68 -1.62 -2.74
N LYS B 59 6.19 -2.69 -2.13
CA LYS B 59 7.61 -2.98 -2.20
C LYS B 59 8.09 -3.20 -3.62
N ASP B 60 7.23 -3.69 -4.51
CA ASP B 60 7.58 -3.89 -5.91
C ASP B 60 7.37 -2.64 -6.77
N TRP B 61 7.14 -1.49 -6.13
CA TRP B 61 7.01 -0.16 -6.73
C TRP B 61 5.64 0.06 -7.37
N SER B 62 4.73 -0.91 -7.38
CA SER B 62 3.43 -0.68 -7.97
C SER B 62 2.53 0.11 -7.02
N PHE B 63 1.64 0.89 -7.60
CA PHE B 63 0.81 1.83 -6.88
C PHE B 63 -0.48 1.18 -6.40
N TYR B 64 -1.05 1.77 -5.36
CA TYR B 64 -2.37 1.36 -4.89
C TYR B 64 -3.12 2.54 -4.28
N LEU B 65 -4.45 2.46 -4.38
CA LEU B 65 -5.40 3.49 -3.96
C LEU B 65 -6.71 2.80 -3.57
N LEU B 66 -7.41 3.38 -2.59
CA LEU B 66 -8.77 3.00 -2.23
C LEU B 66 -9.73 4.13 -2.58
N TYR B 67 -10.75 3.83 -3.38
CA TYR B 67 -11.88 4.72 -3.60
C TYR B 67 -13.06 4.20 -2.79
N TYR B 68 -13.84 5.11 -2.20
CA TYR B 68 -14.91 4.65 -1.33
C TYR B 68 -16.02 5.68 -1.27
N THR B 69 -17.22 5.20 -0.92
CA THR B 69 -18.38 6.06 -0.72
C THR B 69 -19.33 5.38 0.27
N GLU B 70 -20.03 6.18 1.07
CA GLU B 70 -21.13 5.63 1.86
C GLU B 70 -22.24 5.16 0.93
N PHE B 71 -22.87 4.04 1.27
CA PHE B 71 -23.99 3.54 0.50
C PHE B 71 -24.85 2.67 1.41
N THR B 72 -26.10 2.47 1.00
CA THR B 72 -27.02 1.58 1.70
C THR B 72 -27.45 0.49 0.72
N PRO B 73 -26.85 -0.70 0.78
CA PRO B 73 -27.20 -1.75 -0.17
C PRO B 73 -28.65 -2.18 -0.03
N THR B 74 -29.19 -2.68 -1.14
CA THR B 74 -30.53 -3.24 -1.21
C THR B 74 -30.49 -4.54 -2.00
N GLU B 75 -31.63 -5.22 -2.06
CA GLU B 75 -31.69 -6.47 -2.80
C GLU B 75 -31.40 -6.25 -4.28
N LYS B 76 -31.91 -5.15 -4.84
CA LYS B 76 -31.92 -4.99 -6.29
C LYS B 76 -30.95 -3.95 -6.83
N ASP B 77 -30.46 -3.02 -6.02
CA ASP B 77 -29.51 -2.03 -6.53
C ASP B 77 -28.19 -2.69 -6.87
N GLU B 78 -27.63 -2.35 -8.03
CA GLU B 78 -26.38 -2.91 -8.53
C GLU B 78 -25.29 -1.86 -8.40
N TYR B 79 -24.13 -2.28 -7.90
CA TYR B 79 -23.00 -1.37 -7.74
C TYR B 79 -21.79 -1.93 -8.47
N ALA B 80 -20.91 -1.03 -8.91
CA ALA B 80 -19.73 -1.45 -9.66
C ALA B 80 -18.66 -0.38 -9.56
N CYS B 81 -17.46 -0.77 -9.97
CA CYS B 81 -16.32 0.11 -10.09
C CYS B 81 -15.84 0.08 -11.55
N ARG B 82 -15.60 1.25 -12.13
CA ARG B 82 -15.10 1.36 -13.49
C ARG B 82 -13.75 2.05 -13.47
N VAL B 83 -12.76 1.40 -14.05
CA VAL B 83 -11.36 1.82 -13.95
C VAL B 83 -10.79 2.05 -15.34
N ASN B 84 -10.09 3.16 -15.51
CA ASN B 84 -9.31 3.39 -16.72
C ASN B 84 -7.84 3.61 -16.37
N HIS B 85 -6.99 3.08 -17.24
CA HIS B 85 -5.54 3.07 -17.07
C HIS B 85 -4.93 2.88 -18.46
N VAL B 86 -3.71 3.37 -18.64
CA VAL B 86 -3.08 3.31 -19.96
C VAL B 86 -2.96 1.88 -20.48
N THR B 87 -2.92 0.89 -19.59
CA THR B 87 -2.81 -0.50 -20.00
C THR B 87 -4.12 -1.07 -20.56
N LEU B 88 -5.23 -0.34 -20.45
CA LEU B 88 -6.54 -0.86 -20.81
C LEU B 88 -7.04 -0.22 -22.10
N SER B 89 -7.46 -1.06 -23.05
CA SER B 89 -8.01 -0.55 -24.30
C SER B 89 -9.37 0.11 -24.10
N GLN B 90 -10.14 -0.36 -23.13
CA GLN B 90 -11.39 0.27 -22.73
C GLN B 90 -11.50 0.16 -21.21
N PRO B 91 -12.29 1.03 -20.58
CA PRO B 91 -12.45 0.94 -19.13
C PRO B 91 -12.93 -0.44 -18.70
N LYS B 92 -12.45 -0.87 -17.53
CA LYS B 92 -12.79 -2.16 -16.99
C LYS B 92 -13.83 -1.97 -15.89
N ILE B 93 -14.95 -2.69 -15.99
CA ILE B 93 -16.03 -2.62 -15.01
C ILE B 93 -16.02 -3.91 -14.20
N VAL B 94 -15.97 -3.76 -12.87
CA VAL B 94 -16.04 -4.88 -11.96
C VAL B 94 -17.27 -4.67 -11.09
N LYS B 95 -18.17 -5.66 -11.09
CA LYS B 95 -19.40 -5.56 -10.32
C LYS B 95 -19.16 -5.94 -8.87
N TRP B 96 -19.86 -5.24 -7.98
CA TRP B 96 -19.86 -5.61 -6.57
C TRP B 96 -20.65 -6.91 -6.38
N ASP B 97 -19.97 -7.90 -5.82
CA ASP B 97 -20.57 -9.16 -5.38
C ASP B 97 -20.37 -9.21 -3.86
N ARG B 98 -21.48 -9.18 -3.12
CA ARG B 98 -21.39 -9.07 -1.67
C ARG B 98 -20.78 -10.30 -1.02
N ASP B 99 -20.62 -11.38 -1.78
CA ASP B 99 -19.96 -12.61 -1.33
C ASP B 99 -18.47 -12.64 -1.64
N MET B 100 -17.90 -11.54 -2.12
CA MET B 100 -16.47 -11.55 -2.47
C MET B 100 -15.70 -10.32 -1.97
N ARG C 1 9.89 11.37 11.26
CA ARG C 1 10.67 12.58 10.92
CA ARG C 1 10.70 12.56 10.94
C ARG C 1 11.55 12.27 9.72
N GLU C 2 11.42 13.09 8.67
CA GLU C 2 12.13 12.85 7.42
C GLU C 2 13.61 13.20 7.45
N PHE C 3 14.35 12.54 6.58
CA PHE C 3 15.73 12.83 6.22
C PHE C 3 15.79 14.11 5.42
N LYS C 5 18.38 15.54 3.65
CA LYS C 5 19.44 15.72 2.66
C LYS C 5 19.35 14.76 1.46
N GLU C 6 18.14 14.55 0.96
CA GLU C 6 17.95 13.77 -0.25
C GLU C 6 18.82 14.36 -1.37
N PRO C 7 19.67 13.56 -2.00
CA PRO C 7 20.54 14.09 -3.04
C PRO C 7 19.96 13.92 -4.44
N GLU C 8 20.44 14.78 -5.33
CA GLU C 8 20.15 14.65 -6.75
CA GLU C 8 20.13 14.63 -6.75
C GLU C 8 20.74 13.36 -7.30
N LEU C 9 19.97 12.62 -8.09
CA LEU C 9 20.49 11.44 -8.79
C LEU C 9 21.39 11.83 -9.95
#